data_5Y2B
#
_entry.id   5Y2B
#
_cell.length_a   97.775
_cell.length_b   97.775
_cell.length_c   92.231
_cell.angle_alpha   90.000
_cell.angle_beta   90.000
_cell.angle_gamma   90.000
#
_symmetry.space_group_name_H-M   'P 41 21 2'
#
loop_
_entity.id
_entity.type
_entity.pdbx_description
1 polymer 'insect group II chitinase'
2 branched 2-acetamido-2-deoxy-beta-D-glucopyranose-(1-4)-2-acetamido-2-deoxy-beta-D-glucopyranose-(1-4)-2-acetamido-2-deoxy-beta-D-glucopyranose-(1-4)-2-acetamido-2-deoxy-beta-D-glucopyranose-(1-4)-2-acetamido-2-deoxy-beta-D-glucopyranose-(1-4)-2-acetamido-2-deoxy-beta-D-glucopyranose-(1-4)-2-acetamido-2-deoxy-beta-D-glucopyranose
3 non-polymer 2-acetamido-2-deoxy-beta-D-glucopyranose
4 water water
#
_entity_poly.entity_id   1
_entity_poly.type   'polypeptide(L)'
_entity_poly.pdbx_seq_one_letter_code
;SLLNSRYKLVCYYTNWSWYRPGIGKYSPEDIDPSLCTHIVYGFAVLGNDGLMTAHDTWSDYDNRFYERVVEYKRYGIKVS
LALGGWNDSAGDKYSKLVNDPAARAKFVQHAVAFLEKYGFDGLDLDWEYPKCWQVDCSKGPDSDKQGFADLVHELSAVLK
PKGLLLSAAVSPNKMVIDAGYDVPVLARLLDWIAVMTYDYHGQWDKKTGHVAPLYYHPDDDTTYFNANYTIHYWMEKGTP
ASKIVMGMPMYGQSFTIENRGIHGLNIPVSDGGEPGEYTRAKGFLAYYEICDRIRNSGWTVVKDPYQRMGPYAYKGNQWV
SFDDVEIIKKKVNFIKSLNLGGGMIWALDLDDYRNRCGQGKHPLLNAIKTELLNPKI
;
_entity_poly.pdbx_strand_id   A
#
loop_
_chem_comp.id
_chem_comp.type
_chem_comp.name
_chem_comp.formula
NAG D-saccharide, beta linking 2-acetamido-2-deoxy-beta-D-glucopyranose 'C8 H15 N O6'
#
# COMPACT_ATOMS: atom_id res chain seq x y z
N SER A 1 -9.17 21.95 0.49
CA SER A 1 -8.44 21.21 -0.54
C SER A 1 -7.12 20.62 0.02
N LEU A 2 -6.90 19.37 -0.39
CA LEU A 2 -5.78 18.62 0.13
C LEU A 2 -4.46 19.23 -0.31
N LEU A 3 -4.43 19.85 -1.50
CA LEU A 3 -3.21 20.45 -2.01
C LEU A 3 -2.76 21.67 -1.19
N ASN A 4 -3.64 22.31 -0.41
CA ASN A 4 -3.20 23.43 0.43
C ASN A 4 -3.02 23.06 1.91
N SER A 5 -2.95 21.77 2.24
CA SER A 5 -2.74 21.36 3.62
C SER A 5 -1.30 20.92 3.83
N ARG A 6 -0.97 20.66 5.08
CA ARG A 6 0.36 20.24 5.49
C ARG A 6 0.58 18.74 5.28
N TYR A 7 -0.44 18.01 4.84
CA TYR A 7 -0.41 16.55 4.71
C TYR A 7 -0.44 16.13 3.25
N LYS A 8 0.24 15.00 2.98
CA LYS A 8 0.13 14.23 1.76
C LYS A 8 -0.99 13.20 1.89
N LEU A 9 -1.67 12.95 0.78
CA LEU A 9 -2.54 11.77 0.67
C LEU A 9 -2.12 11.05 -0.60
N VAL A 10 -1.38 9.96 -0.45
CA VAL A 10 -0.79 9.25 -1.58
C VAL A 10 -1.73 8.11 -1.94
N CYS A 11 -2.28 8.13 -3.16
CA CYS A 11 -3.20 7.10 -3.62
C CYS A 11 -2.52 6.19 -4.63
N TYR A 12 -2.55 4.90 -4.37
CA TYR A 12 -2.10 3.95 -5.37
C TYR A 12 -3.23 3.70 -6.39
N TYR A 13 -2.89 3.85 -7.66
CA TYR A 13 -3.70 3.41 -8.79
C TYR A 13 -3.16 2.05 -9.27
N THR A 14 -4.02 1.11 -9.65
CA THR A 14 -3.51 -0.19 -10.12
C THR A 14 -4.01 -0.47 -11.54
N ASN A 15 -3.09 -0.80 -12.45
CA ASN A 15 -3.57 -0.94 -13.82
C ASN A 15 -4.44 -2.19 -14.02
N TRP A 16 -4.34 -3.20 -13.14
CA TRP A 16 -5.12 -4.41 -13.38
C TRP A 16 -6.56 -4.33 -12.88
N SER A 17 -6.93 -3.24 -12.20
CA SER A 17 -8.32 -3.10 -11.76
C SER A 17 -9.26 -2.84 -12.93
N TRP A 18 -8.72 -2.59 -14.12
CA TRP A 18 -9.49 -2.56 -15.36
C TRP A 18 -10.11 -3.91 -15.70
N TYR A 19 -9.42 -4.98 -15.34
CA TYR A 19 -9.83 -6.33 -15.72
C TYR A 19 -10.80 -6.92 -14.68
N ARG A 20 -11.92 -6.23 -14.47
CA ARG A 20 -12.88 -6.62 -13.45
C ARG A 20 -14.28 -6.48 -14.02
N PRO A 21 -15.21 -7.37 -13.66
CA PRO A 21 -16.55 -7.30 -14.27
C PRO A 21 -17.37 -6.18 -13.66
N GLY A 22 -18.28 -5.64 -14.48
CA GLY A 22 -19.40 -4.88 -13.96
C GLY A 22 -18.89 -3.66 -13.22
N ILE A 23 -19.43 -3.42 -12.03
CA ILE A 23 -19.04 -2.24 -11.26
C ILE A 23 -17.64 -2.33 -10.72
N GLY A 24 -17.00 -3.50 -10.77
CA GLY A 24 -15.65 -3.56 -10.25
C GLY A 24 -14.63 -2.98 -11.19
N LYS A 25 -15.03 -2.76 -12.45
CA LYS A 25 -14.13 -2.20 -13.42
C LYS A 25 -13.67 -0.83 -12.96
N TYR A 26 -12.37 -0.59 -12.99
CA TYR A 26 -11.82 0.72 -12.68
C TYR A 26 -10.88 1.14 -13.80
N SER A 27 -11.05 2.36 -14.29
CA SER A 27 -10.28 2.92 -15.39
C SER A 27 -9.59 4.21 -14.93
N PRO A 28 -8.58 4.67 -15.66
CA PRO A 28 -7.95 5.96 -15.31
C PRO A 28 -8.91 7.09 -15.05
N GLU A 29 -10.01 7.16 -15.83
CA GLU A 29 -10.95 8.26 -15.73
C GLU A 29 -11.85 8.16 -14.51
N ASP A 30 -11.81 7.04 -13.77
CA ASP A 30 -12.50 6.96 -12.47
C ASP A 30 -11.71 7.60 -11.34
N ILE A 31 -10.46 7.98 -11.54
CA ILE A 31 -9.73 8.68 -10.48
C ILE A 31 -10.50 9.95 -10.13
N ASP A 32 -10.74 10.17 -8.84
CA ASP A 32 -11.32 11.41 -8.36
C ASP A 32 -10.19 12.34 -7.92
N PRO A 33 -9.90 13.40 -8.68
CA PRO A 33 -8.70 14.21 -8.36
C PRO A 33 -8.84 15.09 -7.13
N SER A 34 -10.02 15.18 -6.52
CA SER A 34 -10.11 15.95 -5.28
C SER A 34 -9.76 15.13 -4.05
N LEU A 35 -9.43 13.84 -4.21
CA LEU A 35 -9.18 12.94 -3.10
C LEU A 35 -7.70 12.61 -2.85
N CYS A 36 -6.78 13.08 -3.68
CA CYS A 36 -5.37 12.71 -3.51
C CYS A 36 -4.47 13.92 -3.71
N THR A 37 -3.29 13.90 -3.08
CA THR A 37 -2.27 14.87 -3.47
C THR A 37 -1.27 14.28 -4.43
N HIS A 38 -1.09 12.95 -4.35
CA HIS A 38 -0.11 12.21 -5.13
C HIS A 38 -0.83 10.95 -5.60
N ILE A 39 -0.60 10.57 -6.86
CA ILE A 39 -1.05 9.30 -7.37
C ILE A 39 0.17 8.48 -7.77
N VAL A 40 0.19 7.21 -7.38
CA VAL A 40 1.30 6.32 -7.68
C VAL A 40 0.73 5.18 -8.51
N TYR A 41 1.33 4.99 -9.69
CA TYR A 41 0.85 4.04 -10.68
C TYR A 41 1.47 2.69 -10.40
N GLY A 42 0.67 1.69 -10.03
CA GLY A 42 1.16 0.32 -9.89
C GLY A 42 0.74 -0.51 -11.09
N PHE A 43 1.71 -1.18 -11.73
CA PHE A 43 3.11 -1.25 -11.39
C PHE A 43 3.84 -1.35 -12.73
N ALA A 44 5.00 -0.70 -12.86
CA ALA A 44 6.02 -1.13 -13.83
C ALA A 44 6.84 -2.26 -13.19
N VAL A 45 7.52 -3.06 -14.04
CA VAL A 45 8.30 -4.21 -13.55
C VAL A 45 9.71 -4.16 -14.12
N LEU A 46 10.58 -5.03 -13.57
CA LEU A 46 11.97 -5.13 -14.01
C LEU A 46 12.05 -6.18 -15.12
N GLY A 47 12.39 -5.75 -16.32
CA GLY A 47 12.50 -6.68 -17.42
C GLY A 47 13.74 -7.54 -17.31
N ASN A 48 13.79 -8.56 -18.16
CA ASN A 48 14.93 -9.49 -18.15
C ASN A 48 16.25 -8.79 -18.44
N ASP A 49 16.23 -7.69 -19.21
CA ASP A 49 17.42 -6.94 -19.53
C ASP A 49 17.90 -6.04 -18.39
N GLY A 50 17.29 -6.14 -17.21
CA GLY A 50 17.64 -5.31 -16.07
C GLY A 50 17.14 -3.88 -16.12
N LEU A 51 16.12 -3.59 -16.96
CA LEU A 51 15.56 -2.26 -17.14
C LEU A 51 14.07 -2.30 -16.86
N MET A 52 13.58 -1.20 -16.30
CA MET A 52 12.17 -0.99 -16.05
C MET A 52 11.36 -1.10 -17.35
N THR A 53 10.19 -1.72 -17.28
CA THR A 53 9.36 -1.85 -18.48
C THR A 53 7.91 -1.95 -18.02
N ALA A 54 6.99 -1.69 -18.94
CA ALA A 54 5.57 -1.85 -18.64
C ALA A 54 5.24 -3.28 -18.25
N HIS A 55 4.51 -3.43 -17.16
CA HIS A 55 4.01 -4.75 -16.82
C HIS A 55 2.95 -5.24 -17.82
N ASP A 56 2.12 -4.34 -18.34
CA ASP A 56 0.94 -4.76 -19.12
C ASP A 56 0.87 -3.80 -20.30
N THR A 57 1.47 -4.19 -21.41
CA THR A 57 1.61 -3.26 -22.52
C THR A 57 0.25 -2.93 -23.11
N TRP A 58 -0.71 -3.87 -23.02
CA TRP A 58 -2.03 -3.60 -23.59
C TRP A 58 -2.63 -2.36 -22.97
N SER A 59 -2.68 -2.30 -21.62
CA SER A 59 -3.27 -1.15 -20.94
C SER A 59 -2.28 0.03 -20.91
N ASP A 60 -1.03 -0.20 -20.47
CA ASP A 60 -0.08 0.89 -20.19
C ASP A 60 0.30 1.67 -21.45
N TYR A 61 0.60 0.95 -22.55
CA TYR A 61 1.05 1.54 -23.81
C TYR A 61 -0.10 1.63 -24.81
N ASP A 62 -0.65 0.48 -25.22
CA ASP A 62 -1.58 0.47 -26.35
C ASP A 62 -2.86 1.24 -25.99
N ASN A 63 -3.33 1.13 -24.75
CA ASN A 63 -4.51 1.88 -24.35
C ASN A 63 -4.17 3.13 -23.57
N ARG A 64 -2.88 3.50 -23.52
CA ARG A 64 -2.42 4.79 -23.01
C ARG A 64 -2.78 4.99 -21.54
N PHE A 65 -2.75 3.93 -20.74
CA PHE A 65 -3.07 4.14 -19.32
C PHE A 65 -2.04 5.06 -18.66
N TYR A 66 -0.76 4.96 -19.04
CA TYR A 66 0.24 5.88 -18.47
C TYR A 66 -0.18 7.33 -18.68
N GLU A 67 -0.37 7.69 -19.94
CA GLU A 67 -0.76 9.03 -20.30
C GLU A 67 -2.10 9.43 -19.67
N ARG A 68 -3.04 8.48 -19.51
CA ARG A 68 -4.34 8.76 -18.95
C ARG A 68 -4.33 8.94 -17.43
N VAL A 69 -3.30 8.45 -16.75
CA VAL A 69 -3.17 8.75 -15.33
C VAL A 69 -2.29 9.97 -15.11
N VAL A 70 -1.27 10.15 -15.96
CA VAL A 70 -0.44 11.36 -15.89
C VAL A 70 -1.26 12.61 -16.23
N GLU A 71 -2.31 12.47 -17.04
CA GLU A 71 -3.44 13.43 -17.10
C GLU A 71 -3.68 14.23 -15.82
N TYR A 72 -3.73 13.56 -14.67
CA TYR A 72 -4.16 14.26 -13.46
C TYR A 72 -3.12 15.23 -12.94
N LYS A 73 -1.94 15.33 -13.56
CA LYS A 73 -1.05 16.44 -13.23
C LYS A 73 -1.72 17.77 -13.51
N ARG A 74 -2.68 17.77 -14.45
CA ARG A 74 -3.46 18.95 -14.83
C ARG A 74 -4.23 19.55 -13.66
N TYR A 75 -4.58 18.73 -12.67
CA TYR A 75 -5.27 19.20 -11.46
C TYR A 75 -4.31 19.52 -10.32
N GLY A 76 -3.00 19.53 -10.56
CA GLY A 76 -2.06 19.83 -9.50
C GLY A 76 -1.56 18.64 -8.73
N ILE A 77 -1.96 17.44 -9.13
CA ILE A 77 -1.56 16.20 -8.50
C ILE A 77 -0.20 15.78 -9.04
N LYS A 78 0.65 15.28 -8.15
CA LYS A 78 1.92 14.65 -8.52
C LYS A 78 1.66 13.17 -8.85
N VAL A 79 2.06 12.74 -10.05
CA VAL A 79 1.82 11.35 -10.50
C VAL A 79 3.17 10.64 -10.66
N SER A 80 3.44 9.67 -9.79
CA SER A 80 4.65 8.86 -9.88
C SER A 80 4.34 7.47 -10.45
N LEU A 81 5.38 6.81 -10.95
CA LEU A 81 5.30 5.44 -11.42
C LEU A 81 5.95 4.51 -10.39
N ALA A 82 5.20 3.51 -9.92
CA ALA A 82 5.78 2.53 -9.00
C ALA A 82 6.46 1.39 -9.76
N LEU A 83 7.62 0.97 -9.27
CA LEU A 83 8.36 -0.13 -9.83
C LEU A 83 8.36 -1.26 -8.82
N GLY A 84 7.88 -2.43 -9.24
CA GLY A 84 7.98 -3.60 -8.40
C GLY A 84 6.64 -4.16 -7.99
N GLY A 85 6.33 -4.13 -6.69
CA GLY A 85 5.15 -4.76 -6.16
C GLY A 85 5.42 -6.19 -5.73
N TRP A 86 4.46 -6.77 -5.02
CA TRP A 86 4.60 -8.11 -4.45
C TRP A 86 4.96 -9.15 -5.51
N ASN A 87 4.20 -9.22 -6.61
CA ASN A 87 4.41 -10.29 -7.59
C ASN A 87 5.73 -10.12 -8.34
N ASP A 88 6.17 -8.87 -8.57
CA ASP A 88 7.47 -8.72 -9.23
C ASP A 88 8.64 -9.05 -8.31
N SER A 89 8.39 -9.18 -7.01
CA SER A 89 9.44 -9.39 -6.01
C SER A 89 9.64 -10.86 -5.67
N ALA A 90 9.05 -11.78 -6.43
CA ALA A 90 9.13 -13.19 -6.06
C ALA A 90 10.53 -13.75 -6.23
N GLY A 91 11.30 -13.25 -7.19
CA GLY A 91 12.60 -13.88 -7.34
C GLY A 91 13.81 -13.12 -6.83
N ASP A 92 14.90 -13.22 -7.58
CA ASP A 92 16.17 -12.64 -7.19
C ASP A 92 16.54 -11.46 -8.07
N LYS A 93 15.63 -11.03 -8.94
CA LYS A 93 16.08 -10.17 -10.02
C LYS A 93 16.37 -8.76 -9.51
N TYR A 94 15.65 -8.28 -8.49
CA TYR A 94 16.00 -7.00 -7.87
C TYR A 94 17.32 -7.10 -7.11
N SER A 95 17.54 -8.25 -6.44
CA SER A 95 18.79 -8.47 -5.73
C SER A 95 19.96 -8.52 -6.69
N LYS A 96 19.77 -9.15 -7.87
CA LYS A 96 20.83 -9.16 -8.88
C LYS A 96 21.10 -7.77 -9.39
N LEU A 97 20.04 -6.97 -9.55
CA LEU A 97 20.20 -5.57 -9.92
C LEU A 97 21.00 -4.80 -8.88
N VAL A 98 20.59 -4.84 -7.61
CA VAL A 98 21.21 -3.90 -6.71
C VAL A 98 22.58 -4.36 -6.23
N ASN A 99 22.92 -5.63 -6.40
CA ASN A 99 24.27 -6.03 -6.04
C ASN A 99 25.25 -5.84 -7.19
N ASP A 100 24.81 -5.29 -8.31
CA ASP A 100 25.68 -5.15 -9.49
C ASP A 100 25.82 -3.68 -9.89
N PRO A 101 26.94 -2.99 -9.57
CA PRO A 101 26.99 -1.54 -9.81
C PRO A 101 26.83 -1.13 -11.26
N ALA A 102 27.34 -1.94 -12.18
CA ALA A 102 27.16 -1.64 -13.61
C ALA A 102 25.69 -1.76 -14.02
N ALA A 103 24.97 -2.76 -13.48
CA ALA A 103 23.53 -2.90 -13.76
C ALA A 103 22.72 -1.74 -13.18
N ARG A 104 23.02 -1.30 -11.96
CA ARG A 104 22.35 -0.13 -11.41
C ARG A 104 22.58 1.11 -12.28
N ALA A 105 23.84 1.33 -12.71
CA ALA A 105 24.16 2.54 -13.48
C ALA A 105 23.41 2.56 -14.80
N LYS A 106 23.27 1.40 -15.44
CA LYS A 106 22.49 1.31 -16.66
C LYS A 106 21.00 1.51 -16.36
N PHE A 107 20.51 0.79 -15.35
CA PHE A 107 19.12 0.93 -14.94
C PHE A 107 18.72 2.38 -14.69
N VAL A 108 19.57 3.13 -13.99
CA VAL A 108 19.18 4.45 -13.50
C VAL A 108 18.96 5.43 -14.65
N GLN A 109 19.86 5.45 -15.63
CA GLN A 109 19.72 6.43 -16.73
C GLN A 109 18.52 6.09 -17.58
N HIS A 110 18.27 4.80 -17.79
CA HIS A 110 17.11 4.38 -18.54
C HIS A 110 15.82 4.67 -17.77
N ALA A 111 15.81 4.45 -16.46
CA ALA A 111 14.60 4.69 -15.68
C ALA A 111 14.16 6.14 -15.77
N VAL A 112 15.09 7.07 -15.64
CA VAL A 112 14.68 8.48 -15.64
C VAL A 112 14.16 8.85 -17.01
N ALA A 113 14.80 8.30 -18.07
CA ALA A 113 14.33 8.53 -19.43
C ALA A 113 12.92 7.98 -19.60
N PHE A 114 12.65 6.81 -19.05
CA PHE A 114 11.30 6.21 -19.10
C PHE A 114 10.27 7.14 -18.43
N LEU A 115 10.56 7.59 -17.20
CA LEU A 115 9.65 8.49 -16.48
C LEU A 115 9.33 9.76 -17.28
N GLU A 116 10.37 10.36 -17.89
CA GLU A 116 10.19 11.60 -18.65
C GLU A 116 9.50 11.35 -19.97
N LYS A 117 9.76 10.20 -20.60
CA LYS A 117 9.04 9.87 -21.81
C LYS A 117 7.53 9.98 -21.59
N TYR A 118 7.04 9.49 -20.45
CA TYR A 118 5.60 9.42 -20.23
C TYR A 118 5.07 10.55 -19.35
N GLY A 119 5.92 11.45 -18.86
CA GLY A 119 5.44 12.58 -18.11
C GLY A 119 5.29 12.36 -16.63
N PHE A 120 5.89 11.32 -16.06
CA PHE A 120 5.76 11.05 -14.62
C PHE A 120 6.54 12.07 -13.78
N ASP A 121 5.99 12.43 -12.62
CA ASP A 121 6.67 13.34 -11.69
C ASP A 121 7.71 12.66 -10.81
N GLY A 122 7.79 11.34 -10.83
CA GLY A 122 8.72 10.66 -9.98
C GLY A 122 8.60 9.16 -10.10
N LEU A 123 9.45 8.49 -9.33
CA LEU A 123 9.52 7.05 -9.22
C LEU A 123 9.21 6.63 -7.80
N ASP A 124 8.49 5.51 -7.67
CA ASP A 124 8.22 4.88 -6.38
C ASP A 124 8.79 3.46 -6.42
N LEU A 125 9.71 3.18 -5.50
CA LEU A 125 10.35 1.88 -5.37
C LEU A 125 9.49 0.95 -4.51
N ASP A 126 9.05 -0.16 -5.07
CA ASP A 126 8.22 -1.08 -4.28
C ASP A 126 8.78 -2.49 -4.35
N TRP A 127 10.06 -2.63 -4.03
CA TRP A 127 10.68 -3.96 -3.98
C TRP A 127 10.35 -4.54 -2.62
N GLU A 128 9.70 -5.71 -2.62
CA GLU A 128 9.25 -6.36 -1.40
C GLU A 128 9.97 -7.70 -1.21
N TYR A 129 11.16 -7.70 -0.61
CA TYR A 129 11.85 -6.54 -0.06
C TYR A 129 13.34 -6.83 -0.17
N PRO A 130 14.19 -5.80 -0.07
CA PRO A 130 15.62 -6.05 0.07
C PRO A 130 15.87 -7.05 1.18
N LYS A 131 16.71 -8.04 0.87
CA LYS A 131 17.09 -9.10 1.80
C LYS A 131 15.96 -10.11 2.00
N CYS A 132 14.82 -9.65 2.51
CA CYS A 132 13.68 -10.55 2.79
C CYS A 132 12.72 -10.57 1.60
N TRP A 133 13.18 -11.21 0.53
CA TRP A 133 12.38 -11.41 -0.68
C TRP A 133 11.04 -12.02 -0.28
N GLN A 134 9.96 -11.32 -0.61
CA GLN A 134 8.62 -11.71 -0.19
C GLN A 134 8.60 -12.12 1.29
N VAL A 135 9.37 -11.40 2.10
CA VAL A 135 9.36 -11.45 3.56
C VAL A 135 10.21 -12.64 4.04
N ASP A 136 10.81 -13.39 3.14
CA ASP A 136 11.66 -14.52 3.55
C ASP A 136 13.12 -14.06 3.69
N CYS A 137 13.54 -13.73 4.92
CA CYS A 137 14.86 -13.12 5.19
C CYS A 137 16.02 -14.09 5.00
N SER A 138 15.77 -15.39 4.89
CA SER A 138 16.84 -16.33 4.56
C SER A 138 17.21 -16.34 3.07
N LYS A 139 16.38 -15.75 2.18
CA LYS A 139 16.59 -15.77 0.73
C LYS A 139 17.72 -14.84 0.28
N GLY A 140 17.70 -13.58 0.69
CA GLY A 140 18.59 -12.62 0.09
C GLY A 140 19.89 -12.41 0.86
N PRO A 141 20.94 -11.96 0.17
CA PRO A 141 22.17 -11.60 0.85
C PRO A 141 22.02 -10.29 1.61
N ASP A 142 22.82 -10.15 2.68
CA ASP A 142 22.81 -8.94 3.49
C ASP A 142 23.17 -7.72 2.67
N SER A 143 24.01 -7.91 1.65
CA SER A 143 24.39 -6.83 0.77
C SER A 143 23.23 -6.26 -0.03
N ASP A 144 22.02 -6.87 0.00
CA ASP A 144 20.84 -6.21 -0.56
C ASP A 144 20.61 -4.88 0.12
N LYS A 145 20.84 -4.83 1.44
CA LYS A 145 20.60 -3.59 2.16
C LYS A 145 21.44 -2.45 1.60
N GLN A 146 22.76 -2.65 1.49
CA GLN A 146 23.62 -1.59 0.96
C GLN A 146 23.37 -1.35 -0.54
N GLY A 147 23.09 -2.44 -1.28
CA GLY A 147 22.73 -2.30 -2.70
C GLY A 147 21.50 -1.43 -2.92
N PHE A 148 20.46 -1.65 -2.11
CA PHE A 148 19.25 -0.86 -2.25
C PHE A 148 19.50 0.59 -1.88
N ALA A 149 20.23 0.84 -0.77
CA ALA A 149 20.57 2.21 -0.38
C ALA A 149 21.40 2.91 -1.46
N ASP A 150 22.28 2.17 -2.15
CA ASP A 150 23.06 2.76 -3.23
C ASP A 150 22.21 3.03 -4.45
N LEU A 151 21.26 2.13 -4.74
CA LEU A 151 20.24 2.37 -5.77
C LEU A 151 19.48 3.65 -5.46
N VAL A 152 19.01 3.77 -4.22
CA VAL A 152 18.25 4.96 -3.87
C VAL A 152 19.11 6.20 -4.05
N HIS A 153 20.38 6.14 -3.59
CA HIS A 153 21.26 7.27 -3.83
C HIS A 153 21.44 7.53 -5.33
N GLU A 154 21.70 6.49 -6.12
CA GLU A 154 21.96 6.75 -7.53
C GLU A 154 20.72 7.29 -8.25
N LEU A 155 19.53 6.77 -7.88
CA LEU A 155 18.29 7.35 -8.38
C LEU A 155 18.14 8.81 -7.93
N SER A 156 18.35 9.09 -6.64
CA SER A 156 18.16 10.47 -6.18
C SER A 156 19.09 11.44 -6.92
N ALA A 157 20.33 11.02 -7.13
CA ALA A 157 21.32 11.88 -7.73
C ALA A 157 20.94 12.28 -9.15
N VAL A 158 20.15 11.48 -9.88
CA VAL A 158 19.71 11.95 -11.19
C VAL A 158 18.30 12.55 -11.13
N LEU A 159 17.43 12.06 -10.24
CA LEU A 159 16.06 12.57 -10.22
C LEU A 159 15.99 13.97 -9.61
N LYS A 160 16.73 14.22 -8.54
CA LYS A 160 16.55 15.41 -7.75
C LYS A 160 16.94 16.67 -8.52
N PRO A 161 18.07 16.69 -9.25
CA PRO A 161 18.36 17.88 -10.06
C PRO A 161 17.30 18.16 -11.10
N LYS A 162 16.61 17.15 -11.59
CA LYS A 162 15.53 17.38 -12.54
C LYS A 162 14.21 17.79 -11.86
N GLY A 163 14.15 17.87 -10.54
CA GLY A 163 12.86 18.20 -9.94
C GLY A 163 11.93 17.01 -9.84
N LEU A 164 12.41 15.79 -10.00
CA LEU A 164 11.55 14.60 -9.96
C LEU A 164 11.62 13.93 -8.60
N LEU A 165 10.55 13.24 -8.25
CA LEU A 165 10.36 12.65 -6.94
C LEU A 165 10.88 11.21 -6.87
N LEU A 166 11.29 10.83 -5.67
CA LEU A 166 11.71 9.46 -5.37
C LEU A 166 11.07 9.09 -4.05
N SER A 167 10.32 7.99 -4.03
CA SER A 167 9.71 7.52 -2.81
C SER A 167 9.82 6.01 -2.80
N ALA A 168 9.46 5.39 -1.67
CA ALA A 168 9.41 3.93 -1.60
C ALA A 168 8.29 3.47 -0.68
N ALA A 169 7.67 2.34 -1.03
CA ALA A 169 6.76 1.63 -0.14
C ALA A 169 7.56 0.58 0.61
N VAL A 170 7.44 0.55 1.93
CA VAL A 170 8.35 -0.23 2.75
C VAL A 170 7.58 -1.11 3.72
N SER A 171 8.20 -2.24 4.09
CA SER A 171 7.62 -3.16 5.06
C SER A 171 7.29 -2.49 6.39
N PRO A 172 6.22 -2.91 7.06
CA PRO A 172 5.98 -2.52 8.46
C PRO A 172 6.60 -3.48 9.47
N ASN A 173 7.30 -4.50 8.99
CA ASN A 173 7.75 -5.62 9.80
C ASN A 173 9.16 -5.34 10.34
N LYS A 174 9.25 -5.12 11.66
CA LYS A 174 10.51 -4.98 12.40
C LYS A 174 11.64 -5.86 11.86
N MET A 175 11.35 -7.11 11.50
CA MET A 175 12.41 -8.03 11.10
C MET A 175 12.95 -7.66 9.72
N VAL A 176 12.06 -7.22 8.83
CA VAL A 176 12.46 -6.81 7.49
C VAL A 176 13.18 -5.47 7.54
N ILE A 177 12.68 -4.56 8.37
CA ILE A 177 13.33 -3.26 8.50
C ILE A 177 14.78 -3.42 8.93
N ASP A 178 15.00 -4.26 9.96
CA ASP A 178 16.34 -4.51 10.50
C ASP A 178 17.25 -5.14 9.46
N ALA A 179 16.75 -6.14 8.72
CA ALA A 179 17.57 -6.88 7.75
C ALA A 179 17.81 -6.12 6.44
N GLY A 180 16.82 -5.40 5.90
CA GLY A 180 16.95 -4.92 4.53
C GLY A 180 17.04 -3.42 4.32
N TYR A 181 16.80 -2.60 5.34
CA TYR A 181 16.67 -1.16 5.11
C TYR A 181 17.78 -0.43 5.86
N ASP A 182 18.54 0.36 5.13
CA ASP A 182 19.44 1.36 5.71
C ASP A 182 18.60 2.61 5.96
N VAL A 183 17.98 2.69 7.15
CA VAL A 183 16.92 3.68 7.35
C VAL A 183 17.46 5.09 7.20
N PRO A 184 18.66 5.43 7.66
CA PRO A 184 19.08 6.83 7.53
C PRO A 184 19.32 7.24 6.10
N VAL A 185 19.84 6.37 5.24
CA VAL A 185 19.92 6.72 3.83
C VAL A 185 18.52 6.93 3.25
N LEU A 186 17.62 5.97 3.48
CA LEU A 186 16.28 6.14 2.94
C LEU A 186 15.62 7.41 3.48
N ALA A 187 15.71 7.62 4.81
CA ALA A 187 15.04 8.76 5.44
C ALA A 187 15.54 10.07 4.88
N ARG A 188 16.85 10.16 4.59
CA ARG A 188 17.47 11.38 4.07
C ARG A 188 17.12 11.66 2.62
N LEU A 189 17.08 10.63 1.76
CA LEU A 189 17.01 10.83 0.31
C LEU A 189 15.60 10.79 -0.28
N LEU A 190 14.70 9.96 0.27
CA LEU A 190 13.34 9.83 -0.25
C LEU A 190 12.49 11.08 0.07
N ASP A 191 11.63 11.45 -0.86
CA ASP A 191 10.66 12.52 -0.58
C ASP A 191 9.58 12.07 0.41
N TRP A 192 9.19 10.80 0.35
CA TRP A 192 8.40 10.22 1.43
C TRP A 192 8.67 8.73 1.46
N ILE A 193 8.31 8.11 2.57
CA ILE A 193 8.43 6.68 2.81
C ILE A 193 7.02 6.20 3.12
N ALA A 194 6.41 5.44 2.23
CA ALA A 194 5.02 5.01 2.42
C ALA A 194 5.07 3.71 3.21
N VAL A 195 4.86 3.79 4.52
CA VAL A 195 4.99 2.58 5.33
C VAL A 195 3.71 1.76 5.12
N MET A 196 3.86 0.50 4.72
CA MET A 196 2.70 -0.35 4.40
C MET A 196 2.16 -1.00 5.68
N THR A 197 1.56 -0.14 6.51
CA THR A 197 0.99 -0.51 7.81
C THR A 197 -0.31 -1.33 7.67
N TYR A 198 -0.23 -2.45 6.96
CA TYR A 198 -1.35 -3.36 6.77
C TYR A 198 -0.76 -4.70 6.37
N ASP A 199 -1.63 -5.66 6.08
CA ASP A 199 -1.23 -7.06 5.84
C ASP A 199 -0.36 -7.61 6.98
N TYR A 200 -0.63 -7.13 8.19
CA TYR A 200 -0.07 -7.72 9.40
C TYR A 200 -0.58 -9.14 9.62
N HIS A 201 -1.82 -9.44 9.19
CA HIS A 201 -2.45 -10.73 9.45
C HIS A 201 -3.24 -11.15 8.22
N GLY A 202 -3.44 -12.45 8.07
CA GLY A 202 -4.01 -13.04 6.87
C GLY A 202 -3.94 -14.56 6.92
N GLN A 203 -4.36 -15.18 5.80
CA GLN A 203 -4.51 -16.64 5.73
C GLN A 203 -3.20 -17.38 6.05
N TRP A 204 -2.05 -16.76 5.77
CA TRP A 204 -0.76 -17.39 6.08
C TRP A 204 -0.60 -17.64 7.58
N ASP A 205 -1.29 -16.89 8.43
CA ASP A 205 -1.25 -17.06 9.88
C ASP A 205 -1.92 -18.36 10.36
N LYS A 206 -2.75 -19.01 9.53
CA LYS A 206 -3.54 -20.20 9.93
C LYS A 206 -4.47 -19.91 11.12
N LYS A 207 -4.83 -18.64 11.31
CA LYS A 207 -5.58 -18.14 12.45
C LYS A 207 -6.17 -16.80 12.05
N THR A 208 -7.34 -16.42 12.59
CA THR A 208 -7.90 -15.13 12.21
C THR A 208 -7.14 -13.99 12.88
N GLY A 209 -7.03 -12.87 12.16
CA GLY A 209 -6.39 -11.66 12.67
C GLY A 209 -6.77 -10.48 11.83
N HIS A 210 -6.46 -9.29 12.34
CA HIS A 210 -6.82 -8.07 11.66
C HIS A 210 -5.76 -7.63 10.65
N VAL A 211 -6.22 -7.24 9.47
CA VAL A 211 -5.31 -6.80 8.40
C VAL A 211 -4.43 -5.68 8.88
N ALA A 212 -4.95 -4.77 9.71
CA ALA A 212 -4.22 -3.54 10.00
C ALA A 212 -4.54 -2.97 11.38
N PRO A 213 -4.07 -3.61 12.45
CA PRO A 213 -4.31 -3.04 13.79
C PRO A 213 -3.57 -1.72 13.94
N LEU A 214 -4.22 -0.76 14.59
CA LEU A 214 -3.55 0.50 14.90
C LEU A 214 -2.68 0.38 16.16
N TYR A 215 -3.24 -0.18 17.23
CA TYR A 215 -2.55 -0.29 18.52
C TYR A 215 -2.41 -1.74 18.93
N TYR A 216 -1.46 -1.96 19.82
CA TYR A 216 -1.32 -3.27 20.43
C TYR A 216 -2.61 -3.63 21.16
N HIS A 217 -3.00 -4.90 21.06
CA HIS A 217 -4.22 -5.41 21.66
C HIS A 217 -3.86 -6.62 22.50
N PRO A 218 -4.44 -6.75 23.70
CA PRO A 218 -3.88 -7.70 24.69
C PRO A 218 -3.85 -9.15 24.24
N ASP A 219 -4.65 -9.56 23.30
CA ASP A 219 -4.63 -10.93 22.92
C ASP A 219 -3.67 -11.20 21.80
N ASP A 220 -2.94 -10.18 21.40
CA ASP A 220 -1.97 -10.36 20.33
C ASP A 220 -0.84 -11.22 20.72
N ASP A 221 -0.32 -11.89 19.73
CA ASP A 221 0.79 -12.75 19.84
C ASP A 221 2.12 -12.04 19.79
N THR A 222 2.13 -10.79 19.36
CA THR A 222 3.34 -10.01 19.30
C THR A 222 3.06 -8.63 19.75
N THR A 223 4.05 -7.95 20.26
CA THR A 223 3.87 -6.55 20.61
C THR A 223 4.11 -5.60 19.43
N TYR A 224 4.71 -6.08 18.34
CA TYR A 224 5.19 -5.22 17.27
C TYR A 224 4.36 -5.24 15.97
N PHE A 225 3.31 -6.07 15.85
CA PHE A 225 2.51 -6.11 14.62
C PHE A 225 1.28 -5.19 14.71
N ASN A 226 1.56 -3.89 14.80
CA ASN A 226 0.50 -2.89 14.80
C ASN A 226 1.13 -1.61 14.26
N ALA A 227 0.30 -0.75 13.69
CA ALA A 227 0.80 0.46 13.04
C ALA A 227 1.59 1.34 14.02
N ASN A 228 1.10 1.47 15.25
CA ASN A 228 1.71 2.38 16.21
C ASN A 228 3.16 1.98 16.49
N TYR A 229 3.40 0.69 16.70
CA TYR A 229 4.76 0.21 16.87
C TYR A 229 5.58 0.43 15.60
N THR A 230 5.02 0.03 14.46
CA THR A 230 5.75 0.16 13.20
C THR A 230 6.14 1.61 12.94
N ILE A 231 5.23 2.56 13.22
CA ILE A 231 5.55 3.96 12.92
C ILE A 231 6.62 4.48 13.87
N HIS A 232 6.55 4.10 15.13
CA HIS A 232 7.57 4.53 16.08
C HIS A 232 8.89 3.85 15.80
N TYR A 233 8.88 2.62 15.29
CA TYR A 233 10.13 1.95 14.95
C TYR A 233 10.87 2.67 13.83
N TRP A 234 10.14 3.07 12.77
CA TRP A 234 10.74 3.82 11.67
C TRP A 234 11.34 5.13 12.16
N MET A 235 10.62 5.84 13.04
CA MET A 235 11.15 7.11 13.55
C MET A 235 12.37 6.85 14.43
N GLU A 236 12.30 5.79 15.24
CA GLU A 236 13.37 5.43 16.16
C GLU A 236 14.65 5.03 15.41
N LYS A 237 14.52 4.31 14.30
CA LYS A 237 15.63 4.05 13.39
C LYS A 237 16.13 5.30 12.66
N GLY A 238 15.46 6.44 12.78
CA GLY A 238 16.04 7.65 12.21
C GLY A 238 15.20 8.40 11.17
N THR A 239 13.92 8.06 11.03
CA THR A 239 13.10 8.70 10.02
C THR A 239 12.44 9.96 10.60
N PRO A 240 12.65 11.13 10.02
CA PRO A 240 11.84 12.29 10.40
C PRO A 240 10.36 12.04 10.13
N ALA A 241 9.53 12.42 11.11
CA ALA A 241 8.09 12.24 10.97
C ALA A 241 7.58 12.74 9.65
N SER A 242 8.12 13.88 9.16
CA SER A 242 7.57 14.46 7.93
C SER A 242 7.80 13.58 6.71
N LYS A 243 8.76 12.62 6.77
CA LYS A 243 8.96 11.68 5.66
C LYS A 243 7.96 10.52 5.66
N ILE A 244 7.29 10.24 6.77
CA ILE A 244 6.42 9.07 6.87
C ILE A 244 5.05 9.43 6.31
N VAL A 245 4.54 8.61 5.36
CA VAL A 245 3.11 8.58 5.08
C VAL A 245 2.60 7.20 5.49
N MET A 246 1.54 7.18 6.29
CA MET A 246 1.08 5.94 6.90
C MET A 246 0.06 5.23 5.99
N GLY A 247 0.32 3.95 5.70
CA GLY A 247 -0.52 3.18 4.80
C GLY A 247 -1.85 2.78 5.46
N MET A 248 -2.94 2.88 4.69
CA MET A 248 -4.22 2.37 5.15
C MET A 248 -4.88 1.50 4.09
N PRO A 249 -5.38 0.32 4.45
CA PRO A 249 -5.97 -0.59 3.45
C PRO A 249 -7.42 -0.26 3.16
N MET A 250 -7.76 -0.28 1.86
CA MET A 250 -9.13 -0.14 1.40
C MET A 250 -9.79 -1.49 1.18
N TYR A 251 -9.26 -2.54 1.80
CA TYR A 251 -9.67 -3.92 1.52
C TYR A 251 -9.51 -4.70 2.82
N GLY A 252 -9.94 -5.94 2.77
CA GLY A 252 -9.98 -6.77 3.94
C GLY A 252 -9.25 -8.07 3.65
N GLN A 253 -8.66 -8.62 4.70
CA GLN A 253 -8.14 -9.97 4.65
C GLN A 253 -9.24 -10.96 5.02
N SER A 254 -9.43 -11.98 4.21
CA SER A 254 -10.53 -12.92 4.39
C SER A 254 -10.00 -14.30 4.72
N PHE A 255 -10.79 -15.03 5.51
CA PHE A 255 -10.38 -16.34 5.99
C PHE A 255 -11.55 -17.31 5.90
N THR A 256 -11.22 -18.57 5.74
CA THR A 256 -12.17 -19.68 5.93
C THR A 256 -11.85 -20.32 7.28
N ILE A 257 -12.72 -20.10 8.28
CA ILE A 257 -12.50 -20.64 9.61
C ILE A 257 -12.82 -22.12 9.65
N GLU A 258 -12.18 -22.84 10.59
CA GLU A 258 -12.20 -24.31 10.60
C GLU A 258 -13.53 -24.89 11.08
N ASN A 259 -14.30 -24.16 11.87
CA ASN A 259 -15.69 -24.53 12.13
C ASN A 259 -16.48 -23.24 12.40
N ARG A 260 -17.73 -23.20 11.93
CA ARG A 260 -18.46 -21.93 11.97
C ARG A 260 -18.90 -21.53 13.38
N GLY A 261 -18.91 -22.46 14.35
CA GLY A 261 -19.29 -22.10 15.71
C GLY A 261 -18.35 -21.12 16.37
N ILE A 262 -17.04 -21.27 16.13
CA ILE A 262 -16.03 -20.34 16.63
C ILE A 262 -15.87 -19.20 15.62
N HIS A 263 -15.92 -17.95 16.08
CA HIS A 263 -15.85 -16.88 15.09
C HIS A 263 -15.22 -15.57 15.57
N GLY A 264 -14.44 -15.57 16.66
CA GLY A 264 -13.78 -14.37 17.13
C GLY A 264 -12.39 -14.19 16.54
N LEU A 265 -11.57 -13.41 17.23
CA LEU A 265 -10.16 -13.25 16.88
C LEU A 265 -9.33 -14.47 17.27
N ASN A 266 -8.30 -14.74 16.47
CA ASN A 266 -7.26 -15.74 16.81
C ASN A 266 -7.81 -17.17 16.86
N ILE A 267 -8.85 -17.47 16.07
CA ILE A 267 -9.46 -18.80 15.98
C ILE A 267 -8.88 -19.50 14.75
N PRO A 268 -8.82 -20.84 14.73
CA PRO A 268 -8.11 -21.51 13.64
C PRO A 268 -8.79 -21.33 12.30
N VAL A 269 -7.98 -21.49 11.26
CA VAL A 269 -8.35 -21.16 9.89
C VAL A 269 -7.77 -22.23 8.99
N SER A 270 -8.58 -22.73 8.05
CA SER A 270 -8.11 -23.75 7.10
C SER A 270 -7.57 -23.15 5.80
N ASP A 271 -8.08 -22.00 5.36
CA ASP A 271 -7.67 -21.42 4.08
C ASP A 271 -8.01 -19.93 4.09
N GLY A 272 -7.68 -19.26 2.99
CA GLY A 272 -8.21 -17.92 2.78
C GLY A 272 -9.71 -17.93 2.56
N GLY A 273 -10.33 -16.75 2.72
CA GLY A 273 -11.74 -16.63 2.40
C GLY A 273 -12.04 -16.90 0.93
N GLU A 274 -13.31 -17.20 0.67
CA GLU A 274 -13.74 -17.41 -0.72
C GLU A 274 -13.51 -16.15 -1.56
N PRO A 275 -13.09 -16.30 -2.80
CA PRO A 275 -12.86 -15.13 -3.66
C PRO A 275 -14.11 -14.28 -3.86
N GLY A 276 -13.92 -12.97 -3.89
CA GLY A 276 -14.98 -12.07 -4.29
C GLY A 276 -15.24 -12.13 -5.79
N GLU A 277 -16.48 -11.79 -6.14
CA GLU A 277 -16.94 -11.75 -7.53
C GLU A 277 -16.15 -10.77 -8.38
N TYR A 278 -15.70 -9.68 -7.78
CA TYR A 278 -15.01 -8.63 -8.51
C TYR A 278 -13.50 -8.72 -8.40
N THR A 279 -12.96 -8.95 -7.19
CA THR A 279 -11.51 -8.99 -7.06
C THR A 279 -10.93 -10.37 -7.39
N ARG A 280 -11.76 -11.40 -7.33
CA ARG A 280 -11.38 -12.76 -7.72
C ARG A 280 -10.02 -13.27 -7.23
N ALA A 281 -9.79 -13.15 -5.94
CA ALA A 281 -8.58 -13.63 -5.31
C ALA A 281 -8.93 -14.13 -3.91
N LYS A 282 -8.77 -15.44 -3.71
CA LYS A 282 -8.87 -16.04 -2.39
C LYS A 282 -7.99 -15.29 -1.40
N GLY A 283 -8.52 -15.03 -0.22
CA GLY A 283 -7.75 -14.34 0.80
C GLY A 283 -8.04 -12.87 0.97
N PHE A 284 -8.61 -12.15 -0.03
CA PHE A 284 -8.96 -10.75 0.22
C PHE A 284 -10.25 -10.33 -0.47
N LEU A 285 -10.80 -9.21 0.00
CA LEU A 285 -12.02 -8.63 -0.51
C LEU A 285 -11.87 -7.13 -0.48
N ALA A 286 -12.30 -6.49 -1.57
CA ALA A 286 -12.38 -5.04 -1.61
C ALA A 286 -13.41 -4.57 -0.59
N TYR A 287 -13.24 -3.34 -0.11
CA TYR A 287 -14.24 -2.81 0.80
C TYR A 287 -15.63 -2.81 0.17
N TYR A 288 -15.74 -2.49 -1.12
CA TYR A 288 -17.08 -2.53 -1.67
C TYR A 288 -17.63 -3.95 -1.74
N GLU A 289 -16.77 -4.97 -1.67
CA GLU A 289 -17.30 -6.33 -1.54
C GLU A 289 -17.74 -6.61 -0.11
N ILE A 290 -16.96 -6.12 0.86
CA ILE A 290 -17.24 -6.34 2.27
C ILE A 290 -18.51 -5.62 2.69
N CYS A 291 -18.64 -4.34 2.32
CA CYS A 291 -19.77 -3.59 2.82
C CYS A 291 -21.06 -4.12 2.23
N ASP A 292 -21.03 -4.66 1.01
CA ASP A 292 -22.20 -5.33 0.48
C ASP A 292 -22.49 -6.65 1.21
N ARG A 293 -21.46 -7.39 1.64
CA ARG A 293 -21.76 -8.60 2.37
C ARG A 293 -22.47 -8.28 3.66
N ILE A 294 -22.09 -7.16 4.29
CA ILE A 294 -22.69 -6.72 5.54
C ILE A 294 -24.10 -6.18 5.31
N ARG A 295 -24.30 -5.34 4.29
CA ARG A 295 -25.58 -4.69 4.11
C ARG A 295 -26.65 -5.62 3.56
N ASN A 296 -26.28 -6.66 2.83
CA ASN A 296 -27.26 -7.34 2.03
C ASN A 296 -27.18 -8.83 2.08
N SER A 297 -26.10 -9.38 2.65
CA SER A 297 -25.94 -10.80 2.79
C SER A 297 -25.91 -11.19 4.25
N GLY A 298 -26.22 -10.25 5.15
CA GLY A 298 -26.36 -10.58 6.54
C GLY A 298 -25.08 -11.01 7.21
N TRP A 299 -23.94 -10.46 6.80
CA TRP A 299 -22.74 -10.73 7.56
C TRP A 299 -22.78 -9.94 8.86
N THR A 300 -22.35 -10.58 9.96
CA THR A 300 -22.34 -9.91 11.26
C THR A 300 -21.04 -9.14 11.44
N VAL A 301 -21.13 -7.91 11.95
CA VAL A 301 -19.96 -7.06 12.17
C VAL A 301 -19.66 -7.01 13.66
N VAL A 302 -18.41 -7.29 14.01
CA VAL A 302 -17.93 -7.14 15.37
C VAL A 302 -16.88 -6.03 15.39
N LYS A 303 -17.20 -4.90 16.01
CA LYS A 303 -16.27 -3.81 16.23
C LYS A 303 -15.44 -4.04 17.49
N ASP A 304 -14.20 -3.55 17.48
CA ASP A 304 -13.36 -3.54 18.69
C ASP A 304 -13.72 -2.32 19.54
N PRO A 305 -14.19 -2.51 20.77
CA PRO A 305 -14.60 -1.34 21.57
C PRO A 305 -13.41 -0.56 22.16
N TYR A 306 -12.29 -1.25 22.47
CA TYR A 306 -11.05 -0.55 22.82
C TYR A 306 -10.49 0.26 21.66
N GLN A 307 -10.96 0.01 20.42
CA GLN A 307 -10.51 0.69 19.19
C GLN A 307 -8.98 0.62 19.05
N ARG A 308 -8.44 -0.59 19.24
CA ARG A 308 -7.08 -0.87 18.83
C ARG A 308 -7.00 -1.23 17.35
N MET A 309 -8.12 -1.61 16.74
CA MET A 309 -8.16 -2.11 15.37
C MET A 309 -9.57 -1.92 14.83
N GLY A 310 -9.72 -2.07 13.50
CA GLY A 310 -11.00 -2.00 12.87
C GLY A 310 -11.86 -3.25 13.14
N PRO A 311 -13.03 -3.28 12.52
CA PRO A 311 -13.95 -4.42 12.68
C PRO A 311 -13.46 -5.66 11.97
N TYR A 312 -14.10 -6.78 12.31
CA TYR A 312 -14.14 -7.95 11.43
C TYR A 312 -15.60 -8.27 11.16
N ALA A 313 -15.82 -9.11 10.15
CA ALA A 313 -17.17 -9.55 9.78
C ALA A 313 -17.13 -11.00 9.36
N TYR A 314 -18.19 -11.74 9.69
CA TYR A 314 -18.21 -13.16 9.40
C TYR A 314 -19.61 -13.59 9.00
N LYS A 315 -19.66 -14.71 8.29
CA LYS A 315 -20.88 -15.45 8.04
C LYS A 315 -20.51 -16.88 7.69
N GLY A 316 -21.10 -17.84 8.41
CA GLY A 316 -20.82 -19.24 8.13
C GLY A 316 -19.37 -19.50 8.42
N ASN A 317 -18.65 -20.06 7.45
CA ASN A 317 -17.21 -20.22 7.65
C ASN A 317 -16.38 -19.09 7.05
N GLN A 318 -16.98 -17.93 6.73
CA GLN A 318 -16.27 -16.83 6.09
C GLN A 318 -16.11 -15.69 7.07
N TRP A 319 -14.92 -15.12 7.06
CA TRP A 319 -14.48 -14.21 8.10
C TRP A 319 -13.56 -13.20 7.41
N VAL A 320 -13.75 -11.91 7.66
CA VAL A 320 -12.89 -10.92 7.01
C VAL A 320 -12.63 -9.80 8.00
N SER A 321 -11.39 -9.30 8.01
CA SER A 321 -11.08 -8.13 8.82
C SER A 321 -10.73 -6.95 7.91
N PHE A 322 -11.02 -5.76 8.37
CA PHE A 322 -10.95 -4.60 7.50
C PHE A 322 -11.11 -3.33 8.33
N ASP A 323 -10.89 -2.20 7.67
CA ASP A 323 -11.04 -0.88 8.25
C ASP A 323 -12.38 -0.26 7.85
N ASP A 324 -13.07 0.28 8.83
CA ASP A 324 -14.30 1.01 8.59
C ASP A 324 -14.01 2.50 8.80
N VAL A 325 -14.99 3.34 8.50
CA VAL A 325 -14.81 4.80 8.63
C VAL A 325 -14.43 5.20 10.07
N GLU A 326 -14.90 4.45 11.07
CA GLU A 326 -14.55 4.80 12.44
C GLU A 326 -13.04 4.61 12.72
N ILE A 327 -12.49 3.43 12.43
CA ILE A 327 -11.07 3.23 12.75
C ILE A 327 -10.21 4.15 11.91
N ILE A 328 -10.66 4.50 10.71
CA ILE A 328 -9.86 5.36 9.85
C ILE A 328 -9.73 6.76 10.45
N LYS A 329 -10.81 7.32 10.97
CA LYS A 329 -10.71 8.61 11.64
C LYS A 329 -9.74 8.52 12.81
N LYS A 330 -9.71 7.39 13.50
CA LYS A 330 -8.74 7.20 14.56
C LYS A 330 -7.31 7.16 14.02
N LYS A 331 -7.07 6.41 12.94
CA LYS A 331 -5.74 6.34 12.33
C LYS A 331 -5.29 7.71 11.86
N VAL A 332 -6.22 8.53 11.35
CA VAL A 332 -5.79 9.80 10.80
C VAL A 332 -5.49 10.79 11.92
N ASN A 333 -6.27 10.77 13.03
CA ASN A 333 -5.89 11.61 14.17
C ASN A 333 -4.53 11.19 14.69
N PHE A 334 -4.24 9.89 14.61
CA PHE A 334 -2.93 9.38 15.00
C PHE A 334 -1.84 9.96 14.09
N ILE A 335 -2.07 9.93 12.77
CA ILE A 335 -1.17 10.56 11.81
C ILE A 335 -0.92 12.03 12.19
N LYS A 336 -1.99 12.78 12.47
CA LYS A 336 -1.84 14.19 12.80
C LYS A 336 -1.13 14.39 14.15
N SER A 337 -1.38 13.52 15.13
CA SER A 337 -0.75 13.72 16.44
C SER A 337 0.76 13.50 16.37
N LEU A 338 1.23 12.69 15.43
CA LEU A 338 2.66 12.47 15.32
C LEU A 338 3.28 13.40 14.30
N ASN A 339 2.51 14.31 13.71
CA ASN A 339 3.04 15.22 12.70
C ASN A 339 3.61 14.46 11.52
N LEU A 340 2.99 13.34 11.16
CA LEU A 340 3.48 12.54 10.07
C LEU A 340 3.34 13.31 8.77
N GLY A 341 4.09 12.89 7.76
CA GLY A 341 3.94 13.50 6.46
C GLY A 341 2.53 13.44 5.90
N GLY A 342 1.80 12.35 6.19
CA GLY A 342 0.41 12.22 5.74
C GLY A 342 -0.03 10.77 5.72
N GLY A 343 -1.05 10.49 4.91
CA GLY A 343 -1.56 9.14 4.68
C GLY A 343 -1.38 8.57 3.27
N MET A 344 -1.51 7.25 3.15
CA MET A 344 -1.43 6.56 1.88
C MET A 344 -2.53 5.50 1.84
N ILE A 345 -3.16 5.26 0.68
CA ILE A 345 -4.13 4.17 0.59
C ILE A 345 -3.70 3.16 -0.46
N TRP A 346 -3.88 1.89 -0.13
CA TRP A 346 -3.88 0.77 -1.08
C TRP A 346 -5.32 0.24 -1.13
N ALA A 347 -6.04 0.47 -2.22
CA ALA A 347 -5.75 1.26 -3.43
C ALA A 347 -7.09 1.95 -3.85
N LEU A 348 -7.01 2.89 -4.80
CA LEU A 348 -8.18 3.70 -5.18
C LEU A 348 -9.37 2.83 -5.52
N ASP A 349 -9.12 1.74 -6.22
CA ASP A 349 -10.13 0.91 -6.87
C ASP A 349 -10.75 -0.11 -5.92
N LEU A 350 -10.28 -0.19 -4.68
CA LEU A 350 -10.83 -1.14 -3.72
C LEU A 350 -11.81 -0.48 -2.75
N ASP A 351 -11.75 0.85 -2.60
CA ASP A 351 -12.74 1.62 -1.87
C ASP A 351 -14.08 1.56 -2.62
N ASP A 352 -15.18 1.97 -1.95
CA ASP A 352 -16.49 1.97 -2.62
C ASP A 352 -16.67 3.22 -3.48
N TYR A 353 -15.87 3.27 -4.57
CA TYR A 353 -15.88 4.46 -5.42
C TYR A 353 -17.21 4.60 -6.17
N ARG A 354 -17.96 3.52 -6.37
CA ARG A 354 -19.28 3.63 -7.01
C ARG A 354 -20.44 3.82 -6.03
N ASN A 355 -20.20 3.90 -4.71
CA ASN A 355 -21.29 4.08 -3.76
C ASN A 355 -22.27 2.92 -3.87
N ARG A 356 -21.73 1.72 -4.05
CA ARG A 356 -22.54 0.51 -4.02
C ARG A 356 -23.18 0.29 -2.65
N CYS A 357 -22.69 0.94 -1.60
CA CYS A 357 -23.16 0.62 -0.26
C CYS A 357 -23.86 1.78 0.43
N GLY A 358 -24.16 2.86 -0.28
CA GLY A 358 -25.02 3.87 0.31
C GLY A 358 -24.37 4.83 1.28
N GLN A 359 -23.07 4.70 1.59
CA GLN A 359 -22.40 5.65 2.48
C GLN A 359 -21.76 6.82 1.72
N GLY A 360 -22.00 6.93 0.44
CA GLY A 360 -21.35 7.93 -0.38
C GLY A 360 -20.23 7.32 -1.20
N LYS A 361 -19.95 7.97 -2.33
CA LYS A 361 -18.78 7.64 -3.15
C LYS A 361 -17.48 7.75 -2.35
N HIS A 362 -16.65 6.72 -2.43
CA HIS A 362 -15.35 6.70 -1.77
C HIS A 362 -15.50 6.98 -0.26
N PRO A 363 -16.26 6.16 0.46
CA PRO A 363 -16.45 6.48 1.90
C PRO A 363 -15.15 6.44 2.71
N LEU A 364 -14.28 5.45 2.47
CA LEU A 364 -13.04 5.38 3.26
C LEU A 364 -12.10 6.53 2.91
N LEU A 365 -11.94 6.82 1.62
CA LEU A 365 -10.99 7.85 1.20
C LEU A 365 -11.54 9.24 1.53
N ASN A 366 -12.85 9.44 1.46
CA ASN A 366 -13.39 10.70 1.94
C ASN A 366 -13.23 10.84 3.45
N ALA A 367 -13.33 9.74 4.18
CA ALA A 367 -13.11 9.84 5.62
C ALA A 367 -11.68 10.29 5.92
N ILE A 368 -10.71 9.79 5.16
CA ILE A 368 -9.31 10.19 5.36
C ILE A 368 -9.12 11.66 5.02
N LYS A 369 -9.65 12.07 3.85
CA LYS A 369 -9.52 13.46 3.47
C LYS A 369 -10.13 14.37 4.51
N THR A 370 -11.32 14.02 5.01
CA THR A 370 -12.03 14.92 5.89
C THR A 370 -11.29 15.04 7.22
N GLU A 371 -10.75 13.92 7.69
CA GLU A 371 -10.04 13.97 8.95
C GLU A 371 -8.71 14.69 8.79
N LEU A 372 -8.01 14.46 7.68
CA LEU A 372 -6.80 15.22 7.40
C LEU A 372 -7.04 16.72 7.34
N LEU A 373 -8.20 17.15 6.82
CA LEU A 373 -8.46 18.58 6.72
C LEU A 373 -9.02 19.16 8.00
N ASN A 374 -9.43 18.34 8.94
CA ASN A 374 -9.99 18.85 10.18
C ASN A 374 -8.86 19.31 11.11
N PRO A 375 -8.87 20.56 11.58
CA PRO A 375 -7.75 21.06 12.41
C PRO A 375 -7.66 20.42 13.79
N LYS A 376 -8.78 20.03 14.39
CA LYS A 376 -8.75 19.41 15.71
C LYS A 376 -8.04 18.06 15.64
N ILE A 377 -7.23 17.77 16.66
CA ILE A 377 -6.56 16.47 16.71
C ILE A 377 -7.15 15.60 17.83
C1 NAG B . 5.52 -14.52 9.75
C2 NAG B . 5.18 -15.25 8.49
C3 NAG B . 5.16 -14.21 7.33
C4 NAG B . 4.28 -13.02 7.72
C5 NAG B . 4.40 -12.51 9.19
C6 NAG B . 3.22 -11.68 9.71
C7 NAG B . 6.19 -17.56 7.99
C8 NAG B . 5.01 -17.94 7.09
N2 NAG B . 6.24 -16.26 8.37
O1 NAG B . 5.88 -15.45 10.73
O3 NAG B . 4.75 -14.76 6.08
O4 NAG B . 4.57 -11.91 6.90
O5 NAG B . 4.49 -13.63 10.07
O6 NAG B . 1.90 -12.20 9.51
O7 NAG B . 7.16 -18.30 8.17
C1 NAG B . 3.50 -11.69 6.05
C2 NAG B . 3.59 -10.20 5.83
C3 NAG B . 2.65 -9.76 4.74
C4 NAG B . 2.83 -10.62 3.50
C5 NAG B . 2.76 -12.10 3.87
C6 NAG B . 3.08 -13.01 2.69
C7 NAG B . 4.24 -8.82 7.71
C8 NAG B . 3.80 -8.14 8.99
N2 NAG B . 3.28 -9.48 7.06
O3 NAG B . 2.99 -8.42 4.45
O4 NAG B . 1.71 -10.43 2.66
O5 NAG B . 3.73 -12.36 4.88
O6 NAG B . 2.54 -14.29 2.89
O7 NAG B . 5.41 -8.77 7.30
C1 NAG B . 2.11 -9.43 1.72
C2 NAG B . 1.08 -9.55 0.63
C3 NAG B . 1.31 -8.50 -0.44
C4 NAG B . 1.55 -7.14 0.17
C5 NAG B . 2.44 -7.13 1.42
C6 NAG B . 2.36 -5.81 2.18
C7 NAG B . 0.15 -11.76 0.08
C8 NAG B . 0.49 -13.13 -0.53
N2 NAG B . 1.14 -10.88 0.07
O3 NAG B . 0.14 -8.41 -1.21
O4 NAG B . 2.22 -6.33 -0.81
O5 NAG B . 2.02 -8.16 2.31
O6 NAG B . 3.58 -5.48 2.82
O7 NAG B . -0.96 -11.50 0.57
C1 NAG B . 1.72 -4.35 -0.93
C2 NAG B . 2.19 -4.03 -2.38
C3 NAG B . 1.23 -4.61 -3.43
C4 NAG B . 0.19 -5.50 -2.77
C5 NAG B . -0.56 -4.74 -1.68
C6 NAG B . -1.44 -5.65 -0.84
C7 NAG B . 1.80 -1.60 -2.03
C8 NAG B . 2.32 -0.19 -2.36
N2 NAG B . 2.46 -2.62 -2.60
O3 NAG B . 2.02 -5.34 -4.37
O4 NAG B . -0.87 -5.84 -3.66
O5 NAG B . 0.32 -4.06 -0.78
O6 NAG B . -2.12 -4.89 0.13
O7 NAG B . 0.82 -1.78 -1.26
C1 NAG B . -0.84 -7.02 -4.38
C2 NAG B . -2.27 -7.27 -4.83
C3 NAG B . -2.30 -8.35 -5.89
C4 NAG B . -1.40 -7.87 -7.03
C5 NAG B . 0.01 -7.65 -6.48
C6 NAG B . 0.97 -7.12 -7.54
C7 NAG B . -4.09 -6.76 -3.25
C8 NAG B . -4.86 -7.26 -2.00
N2 NAG B . -3.14 -7.59 -3.70
O3 NAG B . -3.64 -8.51 -6.32
O4 NAG B . -1.22 -8.88 -8.00
O5 NAG B . -0.08 -6.66 -5.48
O6 NAG B . 2.30 -7.09 -7.07
O7 NAG B . -4.33 -5.68 -3.81
C1 NAG B . -2.11 -8.52 -9.01
C2 NAG B . -1.50 -8.58 -10.37
C3 NAG B . -2.60 -8.65 -11.43
C4 NAG B . -3.59 -9.76 -11.13
C5 NAG B . -4.09 -9.68 -9.68
C6 NAG B . -4.91 -10.88 -9.25
C7 NAG B . 0.68 -7.52 -10.91
C8 NAG B . 1.38 -6.20 -11.16
N2 NAG B . -0.63 -7.43 -10.61
O3 NAG B . -2.01 -8.81 -12.71
O4 NAG B . -4.80 -9.58 -11.88
O5 NAG B . -2.98 -9.60 -8.81
O6 NAG B . -5.61 -10.63 -8.05
O7 NAG B . 1.25 -8.62 -10.98
C1 NAG B . -4.85 -10.18 -13.18
C2 NAG B . -6.28 -10.58 -13.56
C3 NAG B . -6.33 -11.06 -15.01
C4 NAG B . -5.72 -10.02 -15.94
C5 NAG B . -4.28 -9.73 -15.51
C6 NAG B . -3.60 -8.68 -16.35
C7 NAG B . -7.69 -11.31 -11.66
C8 NAG B . -8.12 -12.51 -10.82
N2 NAG B . -6.83 -11.57 -12.64
O3 NAG B . -7.69 -11.32 -15.32
O4 NAG B . -5.73 -10.40 -17.31
O5 NAG B . -4.30 -9.23 -14.17
O6 NAG B . -2.59 -8.01 -15.60
O7 NAG B . -8.09 -10.17 -11.43
C1 NAG C . 2.33 3.48 20.85
C2 NAG C . 1.78 3.27 22.27
C3 NAG C . 2.60 4.10 23.27
C4 NAG C . 4.08 3.74 23.18
C5 NAG C . 4.59 3.93 21.75
C6 NAG C . 6.01 3.45 21.55
C7 NAG C . -0.61 2.71 22.64
C8 NAG C . -2.00 3.28 22.75
N2 NAG C . 0.36 3.61 22.38
O3 NAG C . 2.11 3.89 24.59
O4 NAG C . 4.86 4.51 24.09
O5 NAG C . 3.77 3.19 20.82
O6 NAG C . 6.06 2.13 21.03
O7 NAG C . -0.38 1.50 22.77
#